data_5DJU
#
_entry.id   5DJU
#
_cell.length_a   74.240
_cell.length_b   74.500
_cell.length_c   81.910
_cell.angle_alpha   90.00
_cell.angle_beta   90.00
_cell.angle_gamma   90.00
#
_symmetry.space_group_name_H-M   'P 21 21 21'
#
loop_
_entity.id
_entity.type
_entity.pdbx_description
1 polymer 'Engineered protein, Zdk3 affibody'
2 polymer NPH1-2
3 non-polymer 'FLAVIN MONONUCLEOTIDE'
4 non-polymer 'CHLORIDE ION'
5 water water
#
loop_
_entity_poly.entity_id
_entity_poly.type
_entity_poly.pdbx_seq_one_letter_code
_entity_poly.pdbx_strand_id
1 'polypeptide(L)' GGSVDNKFNKEVLVARQEIYWLPNLNWEQKFAFISSLTNDPSQSANLLAEAKKLNGAQPPK B,D
2 'polypeptide(L)'
;GSLATTLERIEKNFVITDPRLPDNPIIFASDSFLQLTEYSREEILGRNARFLQGPETDRATVRKIRDAIDNQTEVTVQLI
NYTKSGKKFWNLFHLQPMRDQKGDVQYFIGVQLDGTEHVRDAAEREGVMLIKKTAENIDEAAKEL
;
A,C
#
loop_
_chem_comp.id
_chem_comp.type
_chem_comp.name
_chem_comp.formula
CL non-polymer 'CHLORIDE ION' 'Cl -1'
FMN non-polymer 'FLAVIN MONONUCLEOTIDE' 'C17 H21 N4 O9 P'
#
# COMPACT_ATOMS: atom_id res chain seq x y z
N ASN A 6 -4.10 16.24 5.18
CA ASN A 6 -4.40 15.22 6.19
C ASN A 6 -5.90 15.04 6.41
N LYS A 7 -6.43 13.94 5.87
CA LYS A 7 -7.87 13.65 5.90
C LYS A 7 -8.39 13.53 7.33
N PHE A 8 -7.52 13.03 8.20
CA PHE A 8 -7.92 12.79 9.58
C PHE A 8 -7.46 13.88 10.51
N ASN A 9 -7.91 15.10 10.21
CA ASN A 9 -7.64 16.25 11.05
C ASN A 9 -8.31 16.11 12.43
N LYS A 10 -8.06 17.09 13.30
CA LYS A 10 -8.60 17.02 14.66
C LYS A 10 -10.11 16.90 14.73
N GLU A 11 -10.83 17.62 13.86
CA GLU A 11 -12.29 17.54 13.84
C GLU A 11 -12.76 16.11 13.58
N VAL A 12 -12.23 15.47 12.54
CA VAL A 12 -12.55 14.09 12.24
C VAL A 12 -12.27 13.21 13.46
N LEU A 13 -11.10 13.39 14.05
CA LEU A 13 -10.72 12.55 15.19
C LEU A 13 -11.66 12.78 16.37
N VAL A 14 -12.00 14.05 16.61
CA VAL A 14 -12.93 14.39 17.68
C VAL A 14 -14.31 13.74 17.49
N ALA A 15 -14.87 13.84 16.27
CA ALA A 15 -16.17 13.24 15.98
C ALA A 15 -16.12 11.73 16.21
N ARG A 16 -15.06 11.13 15.70
CA ARG A 16 -14.74 9.72 15.88
C ARG A 16 -14.77 9.25 17.34
N GLN A 17 -14.11 10.02 18.20
CA GLN A 17 -14.11 9.73 19.63
C GLN A 17 -15.57 9.81 20.17
N GLU A 18 -16.33 10.76 19.66
CA GLU A 18 -17.67 11.03 20.17
C GLU A 18 -18.70 9.96 19.79
N ILE A 19 -18.54 9.40 18.61
CA ILE A 19 -19.34 8.26 18.18
C ILE A 19 -19.15 7.09 19.14
N TYR A 20 -17.92 6.87 19.57
CA TYR A 20 -17.63 5.69 20.37
C TYR A 20 -18.15 5.86 21.81
N TRP A 21 -18.31 7.10 22.27
CA TRP A 21 -18.90 7.41 23.58
C TRP A 21 -20.40 7.08 23.69
N LEU A 22 -21.09 6.89 22.55
CA LEU A 22 -22.55 6.73 22.55
C LEU A 22 -22.99 5.43 23.25
N PRO A 23 -23.90 5.55 24.23
CA PRO A 23 -24.15 4.38 25.10
C PRO A 23 -25.05 3.29 24.53
N ASN A 24 -25.94 3.63 23.60
CA ASN A 24 -26.98 2.71 23.13
C ASN A 24 -26.67 1.95 21.82
N LEU A 25 -25.49 2.16 21.24
CA LEU A 25 -25.07 1.41 20.04
C LEU A 25 -24.38 0.09 20.40
N ASN A 26 -24.71 -1.01 19.70
CA ASN A 26 -23.98 -2.25 19.93
C ASN A 26 -22.63 -2.12 19.26
N TRP A 27 -21.76 -3.12 19.45
CA TRP A 27 -20.40 -3.01 18.95
C TRP A 27 -20.36 -2.99 17.41
N GLU A 28 -21.26 -3.72 16.75
CA GLU A 28 -21.28 -3.66 15.28
C GLU A 28 -21.61 -2.27 14.77
N GLN A 29 -22.65 -1.67 15.35
CA GLN A 29 -23.09 -0.35 14.93
C GLN A 29 -21.98 0.68 15.14
N LYS A 30 -21.31 0.61 16.29
CA LYS A 30 -20.19 1.51 16.54
C LYS A 30 -19.06 1.28 15.54
N PHE A 31 -18.70 0.01 15.31
CA PHE A 31 -17.64 -0.34 14.37
C PHE A 31 -17.96 0.14 12.96
N ALA A 32 -19.23 0.06 12.59
CA ALA A 32 -19.66 0.44 11.23
C ALA A 32 -19.50 1.95 10.99
N PHE A 33 -19.91 2.76 11.97
CA PHE A 33 -19.74 4.19 11.85
C PHE A 33 -18.26 4.60 11.84
N ILE A 34 -17.43 3.95 12.66
CA ILE A 34 -16.01 4.28 12.64
C ILE A 34 -15.39 3.92 11.29
N SER A 35 -15.79 2.76 10.78
CA SER A 35 -15.35 2.29 9.49
C SER A 35 -15.78 3.26 8.36
N SER A 36 -17.05 3.69 8.37
CA SER A 36 -17.54 4.67 7.36
C SER A 36 -16.77 5.97 7.46
N LEU A 37 -16.51 6.40 8.68
CA LEU A 37 -15.71 7.59 8.93
C LEU A 37 -14.27 7.39 8.42
N THR A 38 -13.73 6.19 8.63
CA THR A 38 -12.40 5.91 8.14
C THR A 38 -12.38 6.04 6.62
N ASN A 39 -13.44 5.53 5.97
CA ASN A 39 -13.54 5.51 4.52
C ASN A 39 -13.92 6.85 3.91
N ASP A 40 -14.71 7.63 4.62
CA ASP A 40 -15.20 8.91 4.11
C ASP A 40 -15.13 9.98 5.21
N PRO A 41 -13.91 10.43 5.55
CA PRO A 41 -13.66 11.41 6.62
C PRO A 41 -14.43 12.73 6.47
N SER A 42 -14.73 13.13 5.24
CA SER A 42 -15.42 14.40 5.03
C SER A 42 -16.88 14.35 5.53
N GLN A 43 -17.38 13.14 5.82
CA GLN A 43 -18.74 13.00 6.35
C GLN A 43 -18.78 12.83 7.89
N SER A 44 -17.71 13.21 8.59
CA SER A 44 -17.62 12.94 10.05
C SER A 44 -18.78 13.54 10.81
N ALA A 45 -19.05 14.82 10.54
CA ALA A 45 -20.10 15.54 11.23
C ALA A 45 -21.45 14.89 10.96
N ASN A 46 -21.70 14.50 9.70
CA ASN A 46 -22.96 13.85 9.35
C ASN A 46 -23.07 12.50 10.03
N LEU A 47 -21.94 11.82 10.12
CA LEU A 47 -21.90 10.49 10.74
C LEU A 47 -22.19 10.55 12.25
N LEU A 48 -21.58 11.51 12.94
CA LEU A 48 -21.85 11.72 14.38
C LEU A 48 -23.31 12.05 14.62
N ALA A 49 -23.85 12.98 13.84
CA ALA A 49 -25.26 13.36 13.93
C ALA A 49 -26.18 12.19 13.69
N GLU A 50 -25.85 11.32 12.74
CA GLU A 50 -26.74 10.19 12.44
C GLU A 50 -26.56 9.12 13.51
N ALA A 51 -25.34 8.95 14.00
CA ALA A 51 -25.08 7.99 15.08
C ALA A 51 -25.90 8.36 16.32
N LYS A 52 -25.94 9.65 16.61
CA LYS A 52 -26.74 10.14 17.74
C LYS A 52 -28.22 9.80 17.59
N LYS A 53 -28.73 9.85 16.36
CA LYS A 53 -30.13 9.51 16.10
C LYS A 53 -30.41 8.01 16.32
N LEU A 54 -29.47 7.17 15.91
CA LEU A 54 -29.59 5.73 16.14
C LEU A 54 -29.53 5.47 17.63
N ASN A 55 -28.64 6.18 18.30
CA ASN A 55 -28.54 6.07 19.75
C ASN A 55 -29.86 6.41 20.43
N GLY A 56 -30.42 7.57 20.08
CA GLY A 56 -31.68 8.02 20.64
C GLY A 56 -32.85 7.13 20.29
N ALA A 57 -32.72 6.36 19.22
CA ALA A 57 -33.83 5.49 18.81
C ALA A 57 -33.73 4.09 19.40
N GLN A 58 -32.69 3.80 20.16
CA GLN A 58 -32.56 2.49 20.81
C GLN A 58 -32.41 2.60 22.34
N PRO A 59 -33.42 3.18 23.03
CA PRO A 59 -33.31 3.30 24.49
C PRO A 59 -33.25 1.93 25.17
N PRO A 60 -32.66 1.87 26.36
CA PRO A 60 -32.56 0.61 27.11
C PRO A 60 -33.92 0.07 27.53
N GLY B 1 -5.80 13.28 28.28
CA GLY B 1 -5.29 12.26 27.37
C GLY B 1 -5.36 12.66 25.91
N SER B 2 -5.17 11.68 25.03
CA SER B 2 -5.24 11.89 23.58
C SER B 2 -6.67 11.72 23.03
N LEU B 3 -6.80 11.53 21.72
CA LEU B 3 -8.11 11.41 21.09
C LEU B 3 -8.51 9.97 20.74
N ALA B 4 -7.80 9.00 21.33
CA ALA B 4 -8.13 7.60 21.15
C ALA B 4 -9.60 7.33 21.46
N THR B 5 -10.21 6.40 20.74
CA THR B 5 -11.49 5.89 21.18
C THR B 5 -11.24 5.03 22.42
N THR B 6 -12.28 4.83 23.21
CA THR B 6 -12.19 4.08 24.47
C THR B 6 -11.59 2.68 24.24
N LEU B 7 -11.99 2.03 23.16
CA LEU B 7 -11.41 0.75 22.79
C LEU B 7 -9.89 0.82 22.62
N GLU B 8 -9.42 1.91 22.03
CA GLU B 8 -7.99 2.09 21.81
C GLU B 8 -7.21 2.49 23.06
N ARG B 9 -7.87 2.53 24.20
CA ARG B 9 -7.18 2.78 25.47
C ARG B 9 -6.88 1.50 26.24
N ILE B 10 -7.23 0.36 25.65
CA ILE B 10 -6.89 -0.93 26.25
C ILE B 10 -5.38 -1.09 26.11
N GLU B 11 -4.71 -1.48 27.20
CA GLU B 11 -3.25 -1.42 27.29
C GLU B 11 -2.52 -2.61 26.64
N LYS B 12 -2.77 -2.82 25.35
CA LYS B 12 -2.07 -3.84 24.56
C LYS B 12 -1.84 -3.26 23.16
N ASN B 13 -0.88 -3.80 22.43
CA ASN B 13 -0.66 -3.42 21.04
C ASN B 13 -1.59 -4.21 20.17
N PHE B 14 -2.48 -3.52 19.49
CA PHE B 14 -3.26 -4.16 18.44
C PHE B 14 -3.76 -3.11 17.50
N VAL B 15 -4.13 -3.56 16.31
CA VAL B 15 -4.91 -2.76 15.37
C VAL B 15 -6.07 -3.61 14.87
N ILE B 16 -7.11 -2.94 14.38
CA ILE B 16 -8.26 -3.64 13.80
C ILE B 16 -8.50 -3.08 12.40
N THR B 17 -8.70 -3.98 11.43
CA THR B 17 -8.89 -3.58 10.04
C THR B 17 -10.27 -4.01 9.54
N ASP B 18 -10.74 -3.39 8.46
CA ASP B 18 -12.02 -3.75 7.86
C ASP B 18 -11.84 -4.37 6.47
N PRO B 19 -12.01 -5.69 6.37
CA PRO B 19 -11.82 -6.26 5.03
C PRO B 19 -12.88 -5.83 4.00
N ARG B 20 -13.98 -5.19 4.44
CA ARG B 20 -15.02 -4.71 3.53
C ARG B 20 -14.62 -3.41 2.86
N LEU B 21 -13.56 -2.79 3.35
CA LEU B 21 -13.02 -1.61 2.69
C LEU B 21 -11.87 -2.05 1.78
N PRO B 22 -11.59 -1.26 0.72
CA PRO B 22 -10.53 -1.68 -0.20
C PRO B 22 -9.17 -1.74 0.48
N ASP B 23 -8.46 -2.85 0.27
CA ASP B 23 -7.12 -3.09 0.79
C ASP B 23 -7.07 -3.25 2.30
N ASN B 24 -8.20 -3.65 2.88
CA ASN B 24 -8.27 -4.07 4.29
C ASN B 24 -7.47 -3.17 5.25
N PRO B 25 -7.88 -1.89 5.38
CA PRO B 25 -7.16 -0.87 6.14
C PRO B 25 -7.55 -0.79 7.62
N ILE B 26 -6.62 -0.29 8.41
CA ILE B 26 -6.80 -0.04 9.84
C ILE B 26 -7.95 0.91 10.13
N ILE B 27 -8.84 0.50 11.02
CA ILE B 27 -9.88 1.42 11.48
C ILE B 27 -9.69 1.77 12.95
N PHE B 28 -8.98 0.91 13.69
CA PHE B 28 -8.58 1.17 15.08
C PHE B 28 -7.08 0.89 15.28
N ALA B 29 -6.43 1.68 16.12
CA ALA B 29 -5.02 1.43 16.48
C ALA B 29 -4.76 1.87 17.92
N SER B 30 -4.40 0.92 18.78
CA SER B 30 -4.33 1.23 20.21
C SER B 30 -3.25 2.27 20.50
N ASP B 31 -3.44 3.02 21.57
CA ASP B 31 -2.43 3.99 21.92
C ASP B 31 -1.07 3.32 22.15
N SER B 32 -1.09 2.08 22.66
CA SER B 32 0.15 1.35 22.90
C SER B 32 0.82 0.97 21.57
N PHE B 33 0.02 0.62 20.59
CA PHE B 33 0.58 0.33 19.27
C PHE B 33 1.25 1.60 18.72
N LEU B 34 0.62 2.73 18.94
CA LEU B 34 1.17 3.98 18.45
C LEU B 34 2.47 4.33 19.16
N GLN B 35 2.55 4.03 20.46
CA GLN B 35 3.77 4.31 21.19
C GLN B 35 4.88 3.41 20.68
N LEU B 36 4.53 2.16 20.40
CA LEU B 36 5.50 1.19 19.93
C LEU B 36 6.08 1.60 18.58
N THR B 37 5.21 1.87 17.61
CA THR B 37 5.62 2.04 16.23
C THR B 37 6.08 3.47 15.92
N GLU B 38 5.82 4.38 16.85
CA GLU B 38 6.13 5.82 16.74
C GLU B 38 5.22 6.58 15.77
N TYR B 39 4.21 5.92 15.22
CA TYR B 39 3.26 6.62 14.35
C TYR B 39 2.18 7.31 15.16
N SER B 40 1.61 8.38 14.62
CA SER B 40 0.41 8.96 15.20
C SER B 40 -0.81 8.37 14.53
N ARG B 41 -1.93 8.39 15.25
CA ARG B 41 -3.19 7.87 14.74
C ARG B 41 -3.52 8.48 13.39
N GLU B 42 -3.36 9.81 13.30
CA GLU B 42 -3.65 10.57 12.09
C GLU B 42 -3.01 10.01 10.82
N GLU B 43 -1.80 9.47 10.95
CA GLU B 43 -1.06 9.10 9.74
C GLU B 43 -1.14 7.62 9.39
N ILE B 44 -1.89 6.85 10.16
CA ILE B 44 -2.03 5.44 9.82
C ILE B 44 -3.47 4.97 9.69
N LEU B 45 -4.43 5.75 10.14
CA LEU B 45 -5.83 5.40 9.91
C LEU B 45 -6.11 5.33 8.42
N GLY B 46 -6.85 4.31 8.00
CA GLY B 46 -7.23 4.16 6.60
C GLY B 46 -6.11 3.58 5.79
N ARG B 47 -5.07 3.13 6.46
CA ARG B 47 -3.93 2.55 5.74
C ARG B 47 -3.73 1.06 6.04
N ASN B 48 -3.28 0.29 5.05
CA ASN B 48 -2.94 -1.10 5.26
C ASN B 48 -1.72 -1.22 6.17
N ALA B 49 -1.72 -2.23 7.04
CA ALA B 49 -0.70 -2.37 8.07
C ALA B 49 0.69 -2.71 7.51
N ARG B 50 0.76 -2.93 6.20
CA ARG B 50 1.99 -3.40 5.60
C ARG B 50 3.10 -2.35 5.68
N PHE B 51 2.77 -1.13 6.08
CA PHE B 51 3.80 -0.08 6.22
C PHE B 51 4.81 -0.41 7.31
N LEU B 52 4.48 -1.39 8.15
CA LEU B 52 5.39 -1.82 9.22
C LEU B 52 6.59 -2.59 8.69
N GLN B 53 6.50 -3.09 7.46
CA GLN B 53 7.54 -3.96 6.89
C GLN B 53 8.67 -3.17 6.24
N GLY B 54 9.81 -3.84 6.05
CA GLY B 54 10.97 -3.19 5.47
C GLY B 54 11.91 -4.20 4.84
N PRO B 55 13.16 -3.79 4.59
CA PRO B 55 14.14 -4.60 3.86
C PRO B 55 14.32 -6.01 4.41
N GLU B 56 14.42 -6.16 5.72
CA GLU B 56 14.76 -7.48 6.28
C GLU B 56 13.54 -8.34 6.55
N THR B 57 12.36 -7.79 6.32
CA THR B 57 11.14 -8.55 6.58
C THR B 57 11.07 -9.73 5.60
N ASP B 58 11.03 -10.94 6.14
CA ASP B 58 10.89 -12.16 5.34
C ASP B 58 9.57 -12.17 4.53
N ARG B 59 9.67 -12.13 3.21
CA ARG B 59 8.49 -12.00 2.39
C ARG B 59 7.60 -13.26 2.45
N ALA B 60 8.21 -14.42 2.69
CA ALA B 60 7.46 -15.65 2.81
C ALA B 60 6.59 -15.64 4.06
N THR B 61 7.13 -15.10 5.15
CA THR B 61 6.35 -14.97 6.37
C THR B 61 5.14 -14.04 6.18
N VAL B 62 5.38 -12.89 5.56
CA VAL B 62 4.31 -11.93 5.27
C VAL B 62 3.23 -12.63 4.43
N ARG B 63 3.67 -13.41 3.44
CA ARG B 63 2.73 -14.22 2.64
C ARG B 63 1.87 -15.16 3.51
N LYS B 64 2.42 -15.64 4.61
CA LYS B 64 1.70 -16.56 5.48
C LYS B 64 0.51 -15.82 6.10
N ILE B 65 0.73 -14.56 6.42
CA ILE B 65 -0.32 -13.70 6.97
C ILE B 65 -1.44 -13.47 5.95
N ARG B 66 -1.05 -13.15 4.72
CA ARG B 66 -2.00 -12.81 3.66
C ARG B 66 -2.85 -14.04 3.30
N ASP B 67 -2.22 -15.21 3.31
CA ASP B 67 -2.93 -16.46 3.08
C ASP B 67 -4.04 -16.65 4.14
N ALA B 68 -3.69 -16.37 5.39
CA ALA B 68 -4.62 -16.47 6.51
C ALA B 68 -5.80 -15.49 6.33
N ILE B 69 -5.47 -14.26 5.98
CA ILE B 69 -6.46 -13.21 5.74
C ILE B 69 -7.43 -13.59 4.61
N ASP B 70 -6.88 -14.10 3.52
CA ASP B 70 -7.71 -14.51 2.40
C ASP B 70 -8.66 -15.64 2.78
N ASN B 71 -8.19 -16.53 3.65
CA ASN B 71 -9.01 -17.66 4.09
C ASN B 71 -9.85 -17.36 5.33
N GLN B 72 -9.71 -16.16 5.87
CA GLN B 72 -10.42 -15.76 7.08
C GLN B 72 -10.16 -16.73 8.22
N THR B 73 -8.89 -17.06 8.43
CA THR B 73 -8.48 -17.87 9.58
C THR B 73 -7.42 -17.12 10.36
N GLU B 74 -7.12 -17.64 11.54
CA GLU B 74 -6.11 -17.04 12.39
C GLU B 74 -4.72 -17.54 11.97
N VAL B 75 -3.70 -16.85 12.43
CA VAL B 75 -2.33 -17.25 12.19
C VAL B 75 -1.42 -16.60 13.23
N THR B 76 -0.30 -17.23 13.52
CA THR B 76 0.72 -16.64 14.38
C THR B 76 2.08 -16.77 13.70
N VAL B 77 2.80 -15.66 13.62
CA VAL B 77 4.13 -15.67 13.01
C VAL B 77 5.06 -14.76 13.79
N GLN B 78 6.35 -14.87 13.49
CA GLN B 78 7.35 -13.92 13.98
C GLN B 78 7.96 -13.21 12.79
N LEU B 79 7.85 -11.90 12.73
CA LEU B 79 8.47 -11.19 11.63
C LEU B 79 9.15 -9.92 12.10
N ILE B 80 10.04 -9.40 11.27
CA ILE B 80 10.74 -8.16 11.56
C ILE B 80 9.92 -6.98 11.04
N ASN B 81 9.70 -5.99 11.91
CA ASN B 81 9.04 -4.76 11.50
C ASN B 81 9.93 -3.56 11.80
N TYR B 82 9.41 -2.36 11.51
CA TYR B 82 10.16 -1.13 11.59
C TYR B 82 9.33 0.01 12.20
N THR B 83 9.93 0.77 13.12
CA THR B 83 9.30 1.99 13.62
C THR B 83 9.28 3.05 12.53
N LYS B 84 8.57 4.16 12.81
CA LYS B 84 8.45 5.27 11.85
C LYS B 84 9.81 5.81 11.45
N SER B 85 10.71 5.88 12.43
CA SER B 85 12.06 6.36 12.22
C SER B 85 12.98 5.23 11.75
N GLY B 86 12.38 4.09 11.45
CA GLY B 86 13.09 2.99 10.82
C GLY B 86 13.90 2.08 11.72
N LYS B 87 13.51 1.96 12.99
CA LYS B 87 14.27 1.11 13.91
C LYS B 87 13.67 -0.29 13.95
N LYS B 88 14.50 -1.29 13.70
CA LYS B 88 14.09 -2.70 13.66
C LYS B 88 13.52 -3.22 14.98
N PHE B 89 12.43 -3.98 14.89
CA PHE B 89 12.03 -4.81 16.02
C PHE B 89 11.39 -6.12 15.56
N TRP B 90 11.55 -7.17 16.39
CA TRP B 90 10.91 -8.44 16.12
C TRP B 90 9.48 -8.35 16.63
N ASN B 91 8.56 -8.78 15.78
CA ASN B 91 7.15 -8.70 16.05
C ASN B 91 6.60 -10.11 16.09
N LEU B 92 6.28 -10.58 17.30
CA LEU B 92 5.53 -11.81 17.47
C LEU B 92 4.04 -11.46 17.27
N PHE B 93 3.55 -11.76 16.08
CA PHE B 93 2.25 -11.27 15.61
C PHE B 93 1.16 -12.34 15.63
N HIS B 94 -0.05 -11.94 16.02
CA HIS B 94 -1.20 -12.85 15.90
C HIS B 94 -2.37 -12.16 15.21
N LEU B 95 -2.91 -12.85 14.22
CA LEU B 95 -4.07 -12.37 13.52
C LEU B 95 -5.27 -13.20 13.92
N GLN B 96 -6.42 -12.58 14.16
CA GLN B 96 -7.63 -13.41 14.23
C GLN B 96 -8.89 -12.69 13.80
N PRO B 97 -9.71 -13.41 13.02
CA PRO B 97 -10.96 -12.83 12.53
C PRO B 97 -11.87 -12.48 13.67
N MET B 98 -12.48 -11.31 13.58
CA MET B 98 -13.52 -10.90 14.50
C MET B 98 -14.88 -11.21 13.85
N ARG B 99 -15.61 -12.14 14.46
CA ARG B 99 -16.87 -12.63 13.92
C ARG B 99 -18.06 -12.10 14.70
N ASP B 100 -19.23 -12.09 14.07
CA ASP B 100 -20.47 -11.76 14.78
C ASP B 100 -21.15 -13.00 15.35
N GLN B 101 -22.43 -12.87 15.68
CA GLN B 101 -23.19 -13.95 16.30
C GLN B 101 -23.23 -15.21 15.45
N LYS B 102 -23.52 -15.06 14.16
CA LYS B 102 -23.72 -16.21 13.29
C LYS B 102 -22.40 -16.81 12.79
N GLY B 103 -21.29 -16.18 13.17
CA GLY B 103 -19.97 -16.70 12.87
C GLY B 103 -19.34 -16.13 11.62
N ASP B 104 -19.95 -15.08 11.09
CA ASP B 104 -19.43 -14.44 9.89
C ASP B 104 -18.41 -13.38 10.26
N VAL B 105 -17.29 -13.39 9.55
CA VAL B 105 -16.21 -12.46 9.78
C VAL B 105 -16.71 -11.05 9.48
N GLN B 106 -16.40 -10.12 10.39
CA GLN B 106 -16.77 -8.73 10.18
C GLN B 106 -15.49 -7.89 10.08
N TYR B 107 -14.51 -8.17 10.93
CA TYR B 107 -13.24 -7.43 10.97
C TYR B 107 -12.05 -8.34 11.26
N PHE B 108 -10.86 -7.76 11.25
CA PHE B 108 -9.66 -8.47 11.71
C PHE B 108 -9.00 -7.76 12.88
N ILE B 109 -8.70 -8.51 13.93
CA ILE B 109 -7.83 -8.04 15.00
C ILE B 109 -6.41 -8.57 14.82
N GLY B 110 -5.44 -7.68 14.96
CA GLY B 110 -4.04 -8.07 14.90
C GLY B 110 -3.29 -7.60 16.12
N VAL B 111 -2.64 -8.52 16.81
CA VAL B 111 -1.91 -8.23 18.04
C VAL B 111 -0.38 -8.37 17.90
N GLN B 112 0.33 -7.34 18.32
CA GLN B 112 1.79 -7.33 18.26
C GLN B 112 2.41 -7.47 19.66
N LEU B 113 3.33 -8.40 19.80
CA LEU B 113 4.18 -8.46 21.00
C LEU B 113 5.62 -8.19 20.60
N ASP B 114 6.12 -7.00 20.93
CA ASP B 114 7.42 -6.55 20.43
C ASP B 114 8.61 -7.10 21.21
N GLY B 115 9.71 -7.31 20.49
CA GLY B 115 10.92 -7.83 21.10
C GLY B 115 12.20 -7.47 20.37
N THR B 116 13.31 -7.44 21.11
CA THR B 116 14.62 -7.17 20.53
C THR B 116 15.13 -8.38 19.76
N GLU B 117 14.49 -9.54 19.96
CA GLU B 117 14.97 -10.76 19.34
C GLU B 117 13.88 -11.75 18.96
N HIS B 118 14.24 -12.64 18.04
CA HIS B 118 13.45 -13.79 17.67
C HIS B 118 13.39 -14.75 18.85
N VAL B 119 12.20 -14.96 19.42
CA VAL B 119 12.07 -15.92 20.51
C VAL B 119 11.95 -17.33 19.93
N ARG B 120 12.54 -18.30 20.64
CA ARG B 120 12.55 -19.69 20.21
C ARG B 120 12.18 -20.61 21.37
N ASP B 121 11.99 -21.89 21.06
CA ASP B 121 11.77 -22.94 22.05
C ASP B 121 10.63 -22.62 23.01
N ALA B 122 10.90 -22.77 24.30
CA ALA B 122 9.91 -22.54 25.33
C ALA B 122 9.44 -21.09 25.33
N ALA B 123 10.39 -20.17 25.22
CA ALA B 123 10.08 -18.74 25.23
C ALA B 123 9.17 -18.35 24.07
N GLU B 124 9.25 -19.05 22.95
CA GLU B 124 8.34 -18.74 21.85
C GLU B 124 6.96 -19.36 22.09
N ARG B 125 6.91 -20.60 22.61
CA ARG B 125 5.62 -21.24 22.90
C ARG B 125 4.84 -20.43 23.93
N GLU B 126 5.57 -19.91 24.91
CA GLU B 126 5.00 -19.05 25.93
C GLU B 126 4.48 -17.77 25.27
N GLY B 127 5.26 -17.21 24.36
CA GLY B 127 4.85 -16.05 23.60
C GLY B 127 3.59 -16.26 22.79
N VAL B 128 3.53 -17.36 22.03
CA VAL B 128 2.37 -17.69 21.22
C VAL B 128 1.12 -17.82 22.09
N MET B 129 1.27 -18.54 23.20
CA MET B 129 0.17 -18.72 24.15
C MET B 129 -0.39 -17.39 24.63
N LEU B 130 0.49 -16.47 24.98
CA LEU B 130 0.08 -15.20 25.57
C LEU B 130 -0.69 -14.30 24.58
N ILE B 131 -0.15 -14.05 23.39
CA ILE B 131 -0.80 -13.11 22.47
C ILE B 131 -2.13 -13.63 21.93
N LYS B 132 -2.27 -14.95 21.84
CA LYS B 132 -3.54 -15.56 21.49
C LYS B 132 -4.58 -15.23 22.57
N LYS B 133 -4.17 -15.36 23.83
CA LYS B 133 -5.06 -15.05 24.94
C LYS B 133 -5.41 -13.55 24.94
N THR B 134 -4.42 -12.69 24.70
CA THR B 134 -4.62 -11.24 24.60
C THR B 134 -5.61 -10.90 23.48
N ALA B 135 -5.45 -11.56 22.34
CA ALA B 135 -6.29 -11.31 21.18
C ALA B 135 -7.74 -11.69 21.50
N GLU B 136 -7.90 -12.78 22.23
CA GLU B 136 -9.20 -13.22 22.71
C GLU B 136 -9.85 -12.20 23.64
N ASN B 137 -9.04 -11.64 24.54
CA ASN B 137 -9.54 -10.65 25.48
C ASN B 137 -9.92 -9.36 24.79
N ILE B 138 -9.11 -8.95 23.83
CA ILE B 138 -9.40 -7.75 23.06
C ILE B 138 -10.73 -7.89 22.29
N ASP B 139 -10.88 -9.01 21.59
CA ASP B 139 -12.15 -9.34 20.94
C ASP B 139 -13.32 -9.22 21.93
N GLU B 140 -13.20 -9.88 23.07
CA GLU B 140 -14.25 -9.89 24.08
C GLU B 140 -14.56 -8.47 24.56
N ALA B 141 -13.50 -7.70 24.85
CA ALA B 141 -13.63 -6.31 25.31
C ALA B 141 -14.31 -5.36 24.28
N ALA B 142 -13.92 -5.47 23.02
CA ALA B 142 -14.47 -4.63 21.97
C ALA B 142 -15.98 -4.79 21.89
N LYS B 143 -16.43 -6.02 22.12
CA LYS B 143 -17.86 -6.29 22.05
C LYS B 143 -18.64 -5.75 23.25
N GLU B 144 -17.92 -5.41 24.32
CA GLU B 144 -18.55 -4.77 25.48
C GLU B 144 -18.61 -3.25 25.39
N LEU B 145 -17.74 -2.67 24.56
CA LEU B 145 -17.56 -1.21 24.61
C LEU B 145 -18.53 -0.49 23.66
N ASN C 6 10.11 17.51 1.20
CA ASN C 6 9.83 16.81 -0.06
C ASN C 6 11.01 15.96 -0.53
N LYS C 7 10.87 14.64 -0.40
CA LYS C 7 11.97 13.69 -0.62
C LYS C 7 12.53 13.63 -2.05
N PHE C 8 11.69 13.77 -3.06
CA PHE C 8 12.20 13.76 -4.43
C PHE C 8 12.30 15.19 -4.94
N ASN C 9 13.08 16.02 -4.25
CA ASN C 9 13.24 17.41 -4.65
C ASN C 9 13.90 17.56 -6.02
N LYS C 10 14.04 18.80 -6.44
CA LYS C 10 14.54 19.17 -7.75
C LYS C 10 15.93 18.58 -8.02
N GLU C 11 16.78 18.61 -6.99
CA GLU C 11 18.15 18.07 -7.07
C GLU C 11 18.13 16.59 -7.44
N VAL C 12 17.33 15.84 -6.70
CA VAL C 12 17.15 14.41 -6.93
C VAL C 12 16.67 14.13 -8.37
N LEU C 13 15.67 14.87 -8.83
CA LEU C 13 15.12 14.62 -10.16
C LEU C 13 16.13 14.91 -11.26
N VAL C 14 16.91 15.99 -11.10
CA VAL C 14 17.97 16.37 -12.05
C VAL C 14 19.03 15.27 -12.19
N ALA C 15 19.51 14.78 -11.05
CA ALA C 15 20.53 13.72 -11.04
C ALA C 15 20.03 12.46 -11.74
N ARG C 16 18.80 12.08 -11.42
CA ARG C 16 18.08 10.99 -12.03
C ARG C 16 18.07 11.12 -13.58
N GLN C 17 17.74 12.29 -14.09
CA GLN C 17 17.82 12.53 -15.54
C GLN C 17 19.26 12.40 -16.06
N GLU C 18 20.23 12.88 -15.30
CA GLU C 18 21.61 12.93 -15.77
C GLU C 18 22.24 11.54 -15.81
N ILE C 19 21.84 10.67 -14.88
CA ILE C 19 22.26 9.26 -14.91
C ILE C 19 21.83 8.58 -16.22
N TYR C 20 20.60 8.85 -16.65
CA TYR C 20 20.03 8.15 -17.80
C TYR C 20 20.66 8.64 -19.12
N TRP C 21 21.22 9.84 -19.10
CA TRP C 21 21.97 10.35 -20.26
C TRP C 21 23.29 9.62 -20.54
N LEU C 22 23.79 8.86 -19.56
CA LEU C 22 25.12 8.26 -19.66
C LEU C 22 25.16 7.17 -20.75
N PRO C 23 26.11 7.25 -21.71
CA PRO C 23 26.07 6.38 -22.89
C PRO C 23 26.58 4.92 -22.72
N ASN C 24 27.49 4.66 -21.78
CA ASN C 24 28.15 3.34 -21.70
C ASN C 24 27.51 2.36 -20.71
N LEU C 25 26.44 2.78 -20.06
CA LEU C 25 25.69 1.91 -19.14
C LEU C 25 24.62 1.11 -19.89
N ASN C 26 24.53 -0.18 -19.63
CA ASN C 26 23.46 -0.99 -20.24
C ASN C 26 22.16 -0.70 -19.50
N TRP C 27 21.04 -1.25 -19.99
CA TRP C 27 19.75 -0.89 -19.40
C TRP C 27 19.58 -1.34 -17.94
N GLU C 28 20.13 -2.51 -17.59
CA GLU C 28 20.07 -3.03 -16.22
C GLU C 28 20.81 -2.11 -15.29
N GLN C 29 21.98 -1.66 -15.74
CA GLN C 29 22.78 -0.73 -14.97
C GLN C 29 22.04 0.59 -14.73
N LYS C 30 21.40 1.12 -15.78
CA LYS C 30 20.61 2.34 -15.64
C LYS C 30 19.42 2.14 -14.73
N PHE C 31 18.70 1.03 -14.92
CA PHE C 31 17.53 0.77 -14.08
C PHE C 31 17.96 0.64 -12.61
N ALA C 32 19.10 0.02 -12.38
CA ALA C 32 19.58 -0.22 -11.02
C ALA C 32 19.93 1.11 -10.31
N PHE C 33 20.59 2.02 -11.01
CA PHE C 33 20.90 3.32 -10.43
C PHE C 33 19.65 4.16 -10.16
N ILE C 34 18.68 4.12 -11.07
CA ILE C 34 17.42 4.82 -10.83
C ILE C 34 16.63 4.23 -9.64
N SER C 35 16.54 2.91 -9.59
CA SER C 35 15.89 2.21 -8.51
C SER C 35 16.59 2.52 -7.17
N SER C 36 17.92 2.45 -7.13
CA SER C 36 18.69 2.80 -5.92
C SER C 36 18.39 4.24 -5.50
N LEU C 37 18.31 5.12 -6.49
CA LEU C 37 17.99 6.51 -6.24
C LEU C 37 16.57 6.63 -5.69
N THR C 38 15.66 5.84 -6.23
CA THR C 38 14.28 5.84 -5.76
C THR C 38 14.22 5.42 -4.29
N ASN C 39 15.03 4.44 -3.92
CA ASN C 39 14.97 3.89 -2.59
C ASN C 39 15.66 4.81 -1.57
N ASP C 40 16.70 5.53 -2.01
CA ASP C 40 17.47 6.42 -1.13
C ASP C 40 17.83 7.72 -1.81
N PRO C 41 16.85 8.63 -1.97
CA PRO C 41 17.02 9.88 -2.73
C PRO C 41 18.14 10.76 -2.17
N SER C 42 18.41 10.68 -0.87
CA SER C 42 19.42 11.56 -0.28
C SER C 42 20.81 11.23 -0.78
N GLN C 43 20.96 10.10 -1.45
CA GLN C 43 22.25 9.72 -2.04
C GLN C 43 22.39 10.04 -3.52
N SER C 44 21.54 10.92 -4.03
CA SER C 44 21.48 11.19 -5.47
CA SER C 44 21.47 11.20 -5.47
C SER C 44 22.80 11.69 -6.05
N ALA C 45 23.45 12.63 -5.38
CA ALA C 45 24.71 13.17 -5.91
C ALA C 45 25.81 12.09 -5.98
N ASN C 46 25.89 11.24 -4.96
CA ASN C 46 26.88 10.16 -4.97
C ASN C 46 26.60 9.11 -6.03
N LEU C 47 25.33 8.83 -6.26
CA LEU C 47 24.93 7.85 -7.28
C LEU C 47 25.32 8.31 -8.68
N LEU C 48 25.03 9.57 -9.00
CA LEU C 48 25.40 10.13 -10.30
C LEU C 48 26.91 10.08 -10.48
N ALA C 49 27.66 10.50 -9.46
CA ALA C 49 29.10 10.44 -9.51
C ALA C 49 29.63 9.01 -9.72
N GLU C 50 29.02 8.01 -9.09
CA GLU C 50 29.54 6.65 -9.23
C GLU C 50 29.13 6.07 -10.59
N ALA C 51 27.92 6.41 -11.03
CA ALA C 51 27.44 6.01 -12.36
C ALA C 51 28.36 6.55 -13.45
N LYS C 52 28.83 7.78 -13.27
CA LYS C 52 29.81 8.36 -14.20
C LYS C 52 31.11 7.57 -14.23
N LYS C 53 31.52 7.06 -13.07
CA LYS C 53 32.73 6.25 -13.04
C LYS C 53 32.50 4.90 -13.74
N LEU C 54 31.31 4.33 -13.57
CA LEU C 54 31.00 3.10 -14.26
C LEU C 54 30.90 3.39 -15.78
N ASN C 55 30.34 4.54 -16.12
CA ASN C 55 30.28 4.95 -17.52
C ASN C 55 31.69 4.95 -18.12
N GLY C 56 32.61 5.60 -17.41
CA GLY C 56 34.01 5.67 -17.85
C GLY C 56 34.77 4.35 -17.88
N ALA C 57 34.33 3.36 -17.11
CA ALA C 57 35.02 2.09 -17.04
C ALA C 57 34.51 1.06 -18.05
N GLN C 58 33.50 1.45 -18.83
CA GLN C 58 32.94 0.58 -19.87
C GLN C 58 32.96 1.26 -21.26
N PRO C 59 34.14 1.63 -21.78
CA PRO C 59 34.13 2.22 -23.13
C PRO C 59 33.74 1.22 -24.21
N PRO C 60 33.15 1.70 -25.32
CA PRO C 60 32.72 0.84 -26.44
C PRO C 60 33.87 0.19 -27.20
N GLY D 1 11.85 21.16 -21.91
CA GLY D 1 10.97 20.06 -21.52
C GLY D 1 10.95 19.83 -20.02
N SER D 2 10.42 18.69 -19.60
CA SER D 2 10.36 18.38 -18.17
C SER D 2 11.64 17.68 -17.71
N LEU D 3 11.60 17.09 -16.50
CA LEU D 3 12.79 16.45 -15.90
C LEU D 3 12.77 14.94 -16.10
N ALA D 4 11.90 14.47 -16.98
CA ALA D 4 11.83 13.06 -17.32
C ALA D 4 13.18 12.50 -17.80
N THR D 5 13.42 11.23 -17.50
CA THR D 5 14.48 10.49 -18.16
C THR D 5 14.00 10.29 -19.60
N THR D 6 14.92 9.99 -20.50
CA THR D 6 14.60 9.78 -21.91
C THR D 6 13.52 8.71 -22.10
N LEU D 7 13.64 7.61 -21.37
CA LEU D 7 12.63 6.55 -21.40
C LEU D 7 11.23 7.08 -21.06
N GLU D 8 11.15 8.03 -20.13
CA GLU D 8 9.87 8.56 -19.73
C GLU D 8 9.33 9.58 -20.73
N ARG D 9 10.02 9.77 -21.84
CA ARG D 9 9.51 10.63 -22.90
C ARG D 9 8.86 9.81 -24.02
N ILE D 10 8.75 8.51 -23.83
CA ILE D 10 8.02 7.70 -24.80
C ILE D 10 6.55 8.07 -24.64
N GLU D 11 5.88 8.35 -25.76
CA GLU D 11 4.54 8.94 -25.75
C GLU D 11 3.44 7.89 -25.54
N LYS D 12 3.51 7.22 -24.39
CA LYS D 12 2.49 6.25 -23.98
C LYS D 12 2.30 6.41 -22.47
N ASN D 13 1.16 5.97 -21.95
CA ASN D 13 0.98 5.87 -20.49
C ASN D 13 1.61 4.57 -20.00
N PHE D 14 2.65 4.68 -19.19
CA PHE D 14 3.14 3.50 -18.50
C PHE D 14 3.90 3.87 -17.24
N VAL D 15 3.98 2.90 -16.32
CA VAL D 15 4.91 2.99 -15.17
C VAL D 15 5.72 1.71 -15.11
N ILE D 16 6.86 1.78 -14.43
CA ILE D 16 7.73 0.61 -14.26
C ILE D 16 8.02 0.49 -12.79
N THR D 17 7.88 -0.71 -12.23
CA THR D 17 8.14 -0.88 -10.80
C THR D 17 9.25 -1.89 -10.55
N ASP D 18 9.86 -1.81 -9.38
CA ASP D 18 10.90 -2.75 -8.99
C ASP D 18 10.40 -3.60 -7.82
N PRO D 19 10.05 -4.87 -8.10
CA PRO D 19 9.56 -5.82 -7.08
C PRO D 19 10.60 -6.19 -6.02
N ARG D 20 11.87 -5.89 -6.28
CA ARG D 20 12.93 -6.18 -5.33
C ARG D 20 12.95 -5.20 -4.18
N LEU D 21 12.20 -4.10 -4.32
CA LEU D 21 12.03 -3.14 -3.24
C LEU D 21 10.75 -3.47 -2.50
N PRO D 22 10.64 -3.00 -1.25
CA PRO D 22 9.43 -3.29 -0.46
C PRO D 22 8.15 -2.74 -1.08
N ASP D 23 7.17 -3.62 -1.24
CA ASP D 23 5.86 -3.30 -1.80
C ASP D 23 5.94 -2.83 -3.25
N ASN D 24 6.94 -3.31 -4.00
CA ASN D 24 6.98 -3.14 -5.45
C ASN D 24 6.63 -1.72 -5.94
N PRO D 25 7.47 -0.74 -5.61
CA PRO D 25 7.10 0.65 -5.91
C PRO D 25 7.53 1.13 -7.30
N ILE D 26 6.82 2.11 -7.84
CA ILE D 26 7.17 2.77 -9.07
C ILE D 26 8.55 3.43 -9.07
N ILE D 27 9.38 3.10 -10.07
CA ILE D 27 10.66 3.80 -10.26
C ILE D 27 10.70 4.63 -11.55
N PHE D 28 9.81 4.32 -12.49
CA PHE D 28 9.64 5.14 -13.70
C PHE D 28 8.15 5.44 -13.93
N ALA D 29 7.83 6.64 -14.43
CA ALA D 29 6.46 6.98 -14.82
C ALA D 29 6.50 7.98 -15.97
N SER D 30 5.93 7.59 -17.12
CA SER D 30 6.06 8.41 -18.33
C SER D 30 5.39 9.77 -18.16
N ASP D 31 5.86 10.78 -18.89
CA ASP D 31 5.22 12.09 -18.83
C ASP D 31 3.75 12.00 -19.21
N SER D 32 3.40 11.07 -20.09
CA SER D 32 1.99 10.92 -20.47
C SER D 32 1.14 10.34 -19.33
N PHE D 33 1.69 9.40 -18.59
CA PHE D 33 0.98 8.85 -17.44
C PHE D 33 0.67 9.96 -16.41
N LEU D 34 1.60 10.88 -16.25
CA LEU D 34 1.43 12.00 -15.33
C LEU D 34 0.32 12.95 -15.79
N GLN D 35 0.21 13.14 -17.10
CA GLN D 35 -0.82 13.99 -17.69
C GLN D 35 -2.20 13.37 -17.47
N LEU D 36 -2.26 12.04 -17.59
CA LEU D 36 -3.50 11.30 -17.37
C LEU D 36 -3.99 11.41 -15.91
N THR D 37 -3.08 11.09 -14.99
CA THR D 37 -3.42 10.91 -13.58
C THR D 37 -3.40 12.23 -12.80
N GLU D 38 -2.85 13.26 -13.44
CA GLU D 38 -2.70 14.61 -12.87
C GLU D 38 -1.66 14.71 -11.76
N TYR D 39 -0.92 13.64 -11.50
CA TYR D 39 0.15 13.67 -10.49
C TYR D 39 1.46 14.22 -11.07
N SER D 40 2.31 14.74 -10.20
CA SER D 40 3.68 15.05 -10.57
C SER D 40 4.58 13.86 -10.26
N ARG D 41 5.71 13.78 -10.95
CA ARG D 41 6.67 12.72 -10.75
C ARG D 41 7.06 12.65 -9.27
N GLU D 42 7.31 13.81 -8.71
CA GLU D 42 7.73 14.00 -7.34
C GLU D 42 6.86 13.27 -6.34
N GLU D 43 5.56 13.22 -6.61
CA GLU D 43 4.65 12.71 -5.60
C GLU D 43 4.26 11.25 -5.77
N ILE D 44 4.82 10.56 -6.78
CA ILE D 44 4.47 9.14 -6.95
C ILE D 44 5.62 8.14 -7.03
N LEU D 45 6.84 8.62 -7.25
CA LEU D 45 8.02 7.74 -7.28
C LEU D 45 8.16 7.04 -5.93
N GLY D 46 8.45 5.74 -5.96
CA GLY D 46 8.65 5.01 -4.72
C GLY D 46 7.35 4.62 -4.06
N ARG D 47 6.23 4.80 -4.77
CA ARG D 47 4.92 4.42 -4.25
C ARG D 47 4.33 3.29 -5.08
N ASN D 48 3.61 2.39 -4.43
CA ASN D 48 2.94 1.31 -5.14
C ASN D 48 1.79 1.89 -5.97
N ALA D 49 1.58 1.36 -7.17
CA ALA D 49 0.60 1.98 -8.08
C ALA D 49 -0.84 1.90 -7.57
N ARG D 50 -1.08 1.26 -6.43
CA ARG D 50 -2.46 1.04 -6.00
C ARG D 50 -3.22 2.31 -5.61
N PHE D 51 -2.52 3.43 -5.43
CA PHE D 51 -3.17 4.70 -5.06
C PHE D 51 -4.10 5.21 -6.15
N LEU D 52 -4.00 4.63 -7.34
CA LEU D 52 -4.89 5.02 -8.45
C LEU D 52 -6.32 4.52 -8.20
N GLN D 53 -6.46 3.56 -7.28
CA GLN D 53 -7.76 2.92 -7.04
C GLN D 53 -8.63 3.70 -6.06
N GLY D 54 -9.93 3.45 -6.10
CA GLY D 54 -10.86 4.19 -5.26
C GLY D 54 -12.16 3.46 -4.98
N PRO D 55 -13.18 4.21 -4.54
CA PRO D 55 -14.46 3.66 -4.07
C PRO D 55 -15.11 2.69 -5.06
N GLU D 56 -15.11 3.04 -6.34
CA GLU D 56 -15.81 2.28 -7.37
C GLU D 56 -14.94 1.22 -8.04
N THR D 57 -13.69 1.14 -7.64
CA THR D 57 -12.79 0.16 -8.22
C THR D 57 -13.22 -1.26 -7.86
N ASP D 58 -13.53 -2.06 -8.88
CA ASP D 58 -13.90 -3.45 -8.68
C ASP D 58 -12.75 -4.19 -8.01
N ARG D 59 -12.99 -4.64 -6.77
CA ARG D 59 -11.96 -5.28 -5.97
C ARG D 59 -11.55 -6.66 -6.49
N ALA D 60 -12.45 -7.34 -7.20
CA ALA D 60 -12.15 -8.63 -7.83
C ALA D 60 -11.16 -8.46 -8.99
N THR D 61 -11.35 -7.39 -9.76
CA THR D 61 -10.42 -7.05 -10.85
C THR D 61 -9.02 -6.79 -10.29
N VAL D 62 -8.92 -6.00 -9.22
CA VAL D 62 -7.64 -5.71 -8.58
C VAL D 62 -6.96 -7.00 -8.11
N ARG D 63 -7.73 -7.91 -7.52
CA ARG D 63 -7.22 -9.23 -7.16
C ARG D 63 -6.61 -9.97 -8.35
N LYS D 64 -7.19 -9.77 -9.54
CA LYS D 64 -6.70 -10.41 -10.76
C LYS D 64 -5.30 -9.92 -11.10
N ILE D 65 -5.07 -8.62 -10.88
CA ILE D 65 -3.78 -8.01 -11.12
C ILE D 65 -2.73 -8.58 -10.18
N ARG D 66 -3.11 -8.73 -8.92
CA ARG D 66 -2.18 -9.19 -7.88
C ARG D 66 -1.75 -10.63 -8.16
N ASP D 67 -2.69 -11.45 -8.62
CA ASP D 67 -2.36 -12.82 -9.01
C ASP D 67 -1.29 -12.86 -10.10
N ALA D 68 -1.45 -12.00 -11.10
CA ALA D 68 -0.50 -11.95 -12.21
C ALA D 68 0.91 -11.65 -11.71
N ILE D 69 1.02 -10.62 -10.87
CA ILE D 69 2.30 -10.22 -10.30
C ILE D 69 2.88 -11.35 -9.46
N ASP D 70 2.06 -12.01 -8.64
CA ASP D 70 2.53 -13.10 -7.81
C ASP D 70 3.05 -14.26 -8.66
N ASN D 71 2.39 -14.48 -9.80
CA ASN D 71 2.78 -15.57 -10.70
C ASN D 71 3.82 -15.14 -11.72
N GLN D 72 4.11 -13.84 -11.76
CA GLN D 72 5.00 -13.27 -12.77
C GLN D 72 4.51 -13.55 -14.19
N THR D 73 3.22 -13.29 -14.43
CA THR D 73 2.65 -13.46 -15.78
C THR D 73 2.03 -12.13 -16.25
N GLU D 74 1.66 -12.04 -17.51
CA GLU D 74 1.03 -10.80 -17.96
C GLU D 74 -0.47 -10.86 -17.67
N VAL D 75 -1.13 -9.71 -17.72
CA VAL D 75 -2.57 -9.65 -17.53
C VAL D 75 -3.10 -8.39 -18.23
N THR D 76 -4.36 -8.44 -18.65
CA THR D 76 -5.04 -7.27 -19.16
C THR D 76 -6.41 -7.17 -18.49
N VAL D 77 -6.73 -6.01 -17.92
CA VAL D 77 -8.03 -5.81 -17.29
C VAL D 77 -8.56 -4.40 -17.55
N GLN D 78 -9.84 -4.21 -17.27
CA GLN D 78 -10.43 -2.87 -17.23
C GLN D 78 -10.95 -2.57 -15.86
N LEU D 79 -10.40 -1.54 -15.24
CA LEU D 79 -10.90 -1.12 -13.94
C LEU D 79 -10.98 0.40 -13.90
N ILE D 80 -11.75 0.91 -12.95
CA ILE D 80 -11.87 2.35 -12.77
C ILE D 80 -10.73 2.86 -11.88
N ASN D 81 -10.06 3.92 -12.32
CA ASN D 81 -9.06 4.60 -11.50
C ASN D 81 -9.46 6.05 -11.29
N TYR D 82 -8.63 6.78 -10.56
CA TYR D 82 -8.92 8.15 -10.16
C TYR D 82 -7.73 9.04 -10.38
N THR D 83 -7.97 10.22 -10.93
CA THR D 83 -6.95 11.24 -11.02
C THR D 83 -6.63 11.76 -9.64
N LYS D 84 -5.60 12.61 -9.55
CA LYS D 84 -5.19 13.17 -8.26
C LYS D 84 -6.35 13.91 -7.60
N SER D 85 -7.14 14.60 -8.41
CA SER D 85 -8.27 15.38 -7.92
C SER D 85 -9.53 14.54 -7.73
N GLY D 86 -9.41 13.21 -7.87
CA GLY D 86 -10.49 12.30 -7.57
C GLY D 86 -11.54 12.12 -8.66
N LYS D 87 -11.14 12.33 -9.90
CA LYS D 87 -12.06 12.16 -11.03
C LYS D 87 -11.94 10.76 -11.65
N LYS D 88 -13.09 10.11 -11.81
CA LYS D 88 -13.16 8.76 -12.39
C LYS D 88 -12.62 8.68 -13.81
N PHE D 89 -11.86 7.63 -14.10
CA PHE D 89 -11.62 7.24 -15.49
C PHE D 89 -11.49 5.73 -15.58
N TRP D 90 -11.91 5.18 -16.71
CA TRP D 90 -11.76 3.75 -16.96
C TRP D 90 -10.37 3.44 -17.48
N ASN D 91 -9.74 2.42 -16.89
CA ASN D 91 -8.38 2.07 -17.24
C ASN D 91 -8.30 0.68 -17.85
N LEU D 92 -8.07 0.63 -19.16
CA LEU D 92 -7.74 -0.63 -19.81
C LEU D 92 -6.23 -0.85 -19.61
N PHE D 93 -5.91 -1.68 -18.63
CA PHE D 93 -4.55 -1.82 -18.11
C PHE D 93 -3.87 -3.10 -18.56
N HIS D 94 -2.58 -2.99 -18.89
CA HIS D 94 -1.80 -4.18 -19.19
C HIS D 94 -0.50 -4.22 -18.41
N LEU D 95 -0.32 -5.33 -17.71
CA LEU D 95 0.91 -5.61 -16.99
C LEU D 95 1.69 -6.68 -17.70
N GLN D 96 3.01 -6.51 -17.79
CA GLN D 96 3.85 -7.63 -18.20
C GLN D 96 5.24 -7.51 -17.61
N PRO D 97 5.78 -8.65 -17.16
CA PRO D 97 7.12 -8.76 -16.60
C PRO D 97 8.23 -8.39 -17.59
N MET D 98 9.19 -7.62 -17.10
CA MET D 98 10.41 -7.29 -17.83
C MET D 98 11.53 -8.23 -17.43
N ARG D 99 11.99 -9.06 -18.36
CA ARG D 99 13.01 -10.07 -18.05
C ARG D 99 14.39 -9.69 -18.59
N ASP D 100 15.39 -10.33 -18.01
CA ASP D 100 16.75 -10.16 -18.49
C ASP D 100 17.09 -11.22 -19.51
N GLN D 101 18.39 -11.36 -19.74
CA GLN D 101 18.94 -12.27 -20.71
C GLN D 101 18.46 -13.68 -20.40
N LYS D 102 18.59 -14.07 -19.14
CA LYS D 102 18.31 -15.44 -18.71
C LYS D 102 16.82 -15.72 -18.52
N GLY D 103 16.00 -14.69 -18.66
CA GLY D 103 14.56 -14.88 -18.60
C GLY D 103 14.01 -14.65 -17.21
N ASP D 104 14.84 -14.12 -16.33
CA ASP D 104 14.41 -13.82 -14.96
C ASP D 104 13.76 -12.44 -14.83
N VAL D 105 12.64 -12.38 -14.13
CA VAL D 105 11.92 -11.11 -13.94
C VAL D 105 12.77 -10.10 -13.17
N GLN D 106 12.81 -8.86 -13.66
CA GLN D 106 13.59 -7.81 -13.02
C GLN D 106 12.73 -6.63 -12.59
N TYR D 107 11.79 -6.25 -13.45
CA TYR D 107 10.90 -5.14 -13.20
C TYR D 107 9.54 -5.52 -13.76
N PHE D 108 8.53 -4.70 -13.49
CA PHE D 108 7.23 -4.89 -14.12
C PHE D 108 6.90 -3.66 -14.92
N ILE D 109 6.47 -3.84 -16.16
CA ILE D 109 5.92 -2.71 -16.92
C ILE D 109 4.39 -2.74 -16.83
N GLY D 110 3.80 -1.59 -16.57
CA GLY D 110 2.35 -1.47 -16.57
C GLY D 110 1.89 -0.40 -17.53
N VAL D 111 0.99 -0.78 -18.44
CA VAL D 111 0.51 0.15 -19.45
C VAL D 111 -0.99 0.52 -19.37
N GLN D 112 -1.26 1.83 -19.35
CA GLN D 112 -2.63 2.36 -19.28
C GLN D 112 -3.13 2.95 -20.60
N LEU D 113 -4.30 2.50 -21.04
CA LEU D 113 -4.99 3.13 -22.15
C LEU D 113 -6.28 3.77 -21.63
N ASP D 114 -6.28 5.10 -21.56
CA ASP D 114 -7.34 5.83 -20.87
C ASP D 114 -8.62 5.93 -21.69
N GLY D 115 -9.75 5.95 -20.99
CA GLY D 115 -11.05 5.99 -21.64
C GLY D 115 -12.13 6.67 -20.81
N THR D 116 -13.12 7.23 -21.48
CA THR D 116 -14.21 7.87 -20.78
C THR D 116 -15.16 6.84 -20.19
N GLU D 117 -15.11 5.62 -20.71
CA GLU D 117 -16.01 4.57 -20.27
C GLU D 117 -15.48 3.16 -20.46
N HIS D 118 -16.20 2.21 -19.86
CA HIS D 118 -15.94 0.79 -20.06
C HIS D 118 -16.14 0.41 -21.52
N VAL D 119 -15.06 0.10 -22.22
CA VAL D 119 -15.13 -0.33 -23.60
C VAL D 119 -15.50 -1.81 -23.68
N ARG D 120 -16.29 -2.16 -24.70
CA ARG D 120 -16.79 -3.53 -24.90
C ARG D 120 -16.62 -3.97 -26.35
N ASP D 121 -16.84 -5.26 -26.60
CA ASP D 121 -16.81 -5.84 -27.95
C ASP D 121 -15.54 -5.53 -28.75
N ALA D 122 -15.73 -5.07 -29.99
CA ALA D 122 -14.64 -4.83 -30.91
C ALA D 122 -13.65 -3.81 -30.39
N ALA D 123 -14.18 -2.73 -29.83
CA ALA D 123 -13.37 -1.64 -29.29
C ALA D 123 -12.47 -2.16 -28.16
N GLU D 124 -12.95 -3.17 -27.45
CA GLU D 124 -12.16 -3.78 -26.38
C GLU D 124 -11.07 -4.68 -26.91
N ARG D 125 -11.41 -5.50 -27.89
CA ARG D 125 -10.44 -6.41 -28.48
C ARG D 125 -9.34 -5.60 -29.14
N GLU D 126 -9.74 -4.54 -29.83
CA GLU D 126 -8.81 -3.62 -30.46
C GLU D 126 -7.94 -2.89 -29.42
N GLY D 127 -8.58 -2.43 -28.35
CA GLY D 127 -7.88 -1.80 -27.24
C GLY D 127 -6.86 -2.75 -26.62
N VAL D 128 -7.28 -3.98 -26.34
CA VAL D 128 -6.39 -4.99 -25.76
C VAL D 128 -5.19 -5.26 -26.68
N MET D 129 -5.45 -5.40 -27.98
CA MET D 129 -4.39 -5.62 -28.97
C MET D 129 -3.31 -4.55 -28.96
N LEU D 130 -3.72 -3.28 -28.92
CA LEU D 130 -2.74 -2.20 -29.00
C LEU D 130 -1.81 -2.18 -27.79
N ILE D 131 -2.39 -2.17 -26.58
CA ILE D 131 -1.58 -2.01 -25.37
C ILE D 131 -0.65 -3.18 -25.15
N LYS D 132 -1.03 -4.36 -25.65
CA LYS D 132 -0.13 -5.49 -25.62
C LYS D 132 1.05 -5.19 -26.51
N LYS D 133 0.77 -4.68 -27.71
CA LYS D 133 1.83 -4.32 -28.63
C LYS D 133 2.64 -3.15 -28.06
N THR D 134 1.94 -2.20 -27.45
CA THR D 134 2.60 -1.07 -26.80
C THR D 134 3.56 -1.53 -25.69
N ALA D 135 3.11 -2.45 -24.84
CA ALA D 135 3.93 -2.89 -23.71
C ALA D 135 5.17 -3.58 -24.23
N GLU D 136 5.03 -4.34 -25.30
CA GLU D 136 6.19 -4.95 -25.96
C GLU D 136 7.17 -3.90 -26.50
N ASN D 137 6.64 -2.82 -27.06
CA ASN D 137 7.48 -1.76 -27.62
C ASN D 137 8.24 -0.99 -26.53
N ILE D 138 7.58 -0.73 -25.40
CA ILE D 138 8.20 -0.05 -24.26
C ILE D 138 9.36 -0.87 -23.68
N ASP D 139 9.10 -2.16 -23.49
CA ASP D 139 10.09 -3.16 -23.11
C ASP D 139 11.31 -3.13 -24.03
N GLU D 140 11.06 -3.22 -25.33
CA GLU D 140 12.09 -3.23 -26.33
C GLU D 140 12.90 -1.94 -26.28
N ALA D 141 12.19 -0.81 -26.24
CA ALA D 141 12.82 0.50 -26.19
C ALA D 141 13.70 0.72 -24.95
N ALA D 142 13.17 0.36 -23.78
CA ALA D 142 13.90 0.55 -22.53
C ALA D 142 15.26 -0.14 -22.56
N LYS D 143 15.31 -1.32 -23.16
CA LYS D 143 16.56 -2.07 -23.24
C LYS D 143 17.54 -1.46 -24.25
N GLU D 144 17.03 -0.62 -25.14
CA GLU D 144 17.85 0.10 -26.13
C GLU D 144 18.42 1.41 -25.59
N LEU D 145 17.74 1.97 -24.58
CA LEU D 145 18.04 3.32 -24.10
C LEU D 145 19.06 3.37 -22.98
N1 FMN E . 1.97 -6.81 8.90
C2 FMN E . 3.13 -6.50 9.59
O2 FMN E . 4.22 -6.56 9.03
N3 FMN E . 3.08 -6.13 10.93
C4 FMN E . 1.86 -6.07 11.58
O4 FMN E . 1.82 -5.75 12.77
C4A FMN E . 0.69 -6.37 10.87
N5 FMN E . -0.53 -6.30 11.49
C5A FMN E . -1.68 -6.61 10.81
C6 FMN E . -2.89 -6.54 11.48
C7 FMN E . -4.08 -6.85 10.82
C7M FMN E . -5.42 -6.78 11.53
C8 FMN E . -4.04 -7.21 9.49
C8M FMN E . -5.33 -7.55 8.78
C9 FMN E . -2.81 -7.28 8.82
C9A FMN E . -1.62 -6.99 9.48
N10 FMN E . -0.38 -7.03 8.84
C10 FMN E . 0.76 -6.74 9.53
C1' FMN E . -0.20 -7.48 7.41
C2' FMN E . -0.50 -6.53 6.27
O2' FMN E . -1.62 -5.74 6.57
C3' FMN E . -0.77 -7.41 5.05
O3' FMN E . -1.81 -8.31 5.35
C4' FMN E . 0.42 -8.25 4.64
O4' FMN E . 1.49 -7.39 4.29
C5' FMN E . 0.05 -9.08 3.42
O5' FMN E . -0.42 -8.19 2.43
P FMN E . 0.46 -7.81 1.13
O1P FMN E . -0.44 -7.27 0.05
O2P FMN E . 1.13 -9.06 0.59
O3P FMN E . 1.49 -6.79 1.55
CL CL F . -12.40 7.68 25.32
CL CL G . -4.45 -7.07 4.24
CL CL H . -5.68 6.24 28.51
N1 FMN I . -3.39 -0.84 -10.45
C2 FMN I . -4.35 0.05 -10.89
O2 FMN I . -5.46 0.04 -10.37
N3 FMN I . -4.07 0.95 -11.91
C4 FMN I . -2.81 0.97 -12.49
O4 FMN I . -2.56 1.77 -13.39
C4A FMN I . -1.84 0.07 -12.04
N5 FMN I . -0.59 0.08 -12.61
C5A FMN I . 0.36 -0.80 -12.18
C6 FMN I . 1.61 -0.78 -12.78
C7 FMN I . 2.61 -1.65 -12.38
C7M FMN I . 3.94 -1.58 -13.06
C8 FMN I . 2.34 -2.56 -11.36
C8M FMN I . 3.41 -3.53 -10.91
C9 FMN I . 1.08 -2.59 -10.76
C9A FMN I . 0.09 -1.71 -11.16
N10 FMN I . -1.17 -1.73 -10.58
C10 FMN I . -2.12 -0.84 -11.02
C1' FMN I . -1.53 -2.71 -9.49
C2' FMN I . -1.07 -2.39 -8.06
O2' FMN I . 0.23 -1.85 -8.04
C3' FMN I . -1.12 -3.69 -7.27
O3' FMN I . -0.25 -4.63 -7.88
C4' FMN I . -2.55 -4.24 -7.20
O4' FMN I . -3.42 -3.30 -6.60
C5' FMN I . -2.65 -5.57 -6.45
O5' FMN I . -2.01 -5.40 -5.20
P FMN I . -2.88 -5.15 -3.87
O1P FMN I . -2.02 -5.55 -2.66
O2P FMN I . -4.11 -6.03 -3.88
O3P FMN I . -3.26 -3.70 -3.78
CL CL J . 16.08 13.19 -21.38
CL CL K . 2.38 -4.68 -6.43
#